data_1NZQ
#
_entry.id   1NZQ
#
_cell.length_a   71.110
_cell.length_b   71.960
_cell.length_c   73.160
_cell.angle_alpha   90.00
_cell.angle_beta   100.82
_cell.angle_gamma   90.00
#
_symmetry.space_group_name_H-M   'C 1 2 1'
#
loop_
_entity.id
_entity.type
_entity.pdbx_description
1 polymer 'Thrombin light chain'
2 polymer 'Thrombin heavy chain'
3 polymer 'Decapeptide Hirudin Analogue'
4 non-polymer '(2-{2-[(5-CARBAMIMIDOYL-1-METHYL-1H-PYRROL-3-YLMETHYL)-CARBAMOYL]-PYRROL-1-YL} -1-CYCLOHEXYLMETHYL-2-OXO-ETHYLAMINO)-ACETIC ACID'
5 water water
#
loop_
_entity_poly.entity_id
_entity_poly.type
_entity_poly.pdbx_seq_one_letter_code
_entity_poly.pdbx_strand_id
1 'polypeptide(L)' TFGSGEADCGLRPLFEKKSLEDKTERELLESYIDGR L
2 'polypeptide(L)'
;IVEGSDAEIGMSPWQVMLFRKSPQELLCGASLISDRWVLTAAHCLLYPPWDKNFTENDLLVRIGKHSRTRYERNIEKISM
LEKIYIHPRYNWRENLDRDIALMKLKKPVAFSDYIHPVCLPDRETAASLLQAGYKGRVTGWGNLKETWTANVGKGQPSVL
QVVNLPIVERPVCKDSTRIRITDNMFCAGYKPDEGKRGDACEGDSGGPFVMKSPFNNRWYQMGIVSWGEGCDRDGKYGFY
THVFRLKKWIQKVIDQFGE
;
H
3 'polypeptide(L)' (SIN)YEPI(HYP)EE(SMF)(ALC)Q D
#
loop_
_chem_comp.id
_chem_comp.type
_chem_comp.name
_chem_comp.formula
162 peptide-like '(2-{2-[(5-CARBAMIMIDOYL-1-METHYL-1H-PYRROL-3-YLMETHYL)-CARBAMOYL]-PYRROL-1-YL} -1-CYCLOHEXYLMETHYL-2-OXO-ETHYLAMINO)-ACETIC ACID' 'C23 H32 N6 O4'
SIN non-polymer 'SUCCINIC ACID' 'C4 H6 O4'
#
# COMPACT_ATOMS: atom_id res chain seq x y z
N ALA A 7 -13.80 1.72 13.43
CA ALA A 7 -13.94 1.33 14.85
C ALA A 7 -12.61 1.35 15.54
N ASP A 8 -11.91 0.22 15.54
CA ASP A 8 -10.60 0.16 16.16
C ASP A 8 -9.53 -0.04 15.11
N CYS A 9 -9.66 0.69 14.01
CA CYS A 9 -8.70 0.61 12.92
C CYS A 9 -7.33 1.04 13.39
N GLY A 10 -6.28 0.61 12.69
CA GLY A 10 -4.93 1.02 13.02
C GLY A 10 -4.28 0.46 14.27
N LEU A 11 -5.04 -0.28 15.08
CA LEU A 11 -4.53 -0.87 16.31
C LEU A 11 -4.29 -2.33 16.02
N ARG A 12 -3.02 -2.73 15.90
CA ARG A 12 -2.65 -4.11 15.59
C ARG A 12 -2.79 -5.10 16.74
N PRO A 13 -3.44 -6.25 16.48
CA PRO A 13 -3.65 -7.30 17.48
C PRO A 13 -2.38 -7.80 18.14
N LEU A 14 -1.31 -7.95 17.37
CA LEU A 14 -0.07 -8.46 17.94
C LEU A 14 0.89 -7.42 18.45
N PHE A 15 0.51 -6.14 18.40
CA PHE A 15 1.38 -5.08 18.88
C PHE A 15 0.66 -4.07 19.74
N GLU A 16 0.06 -3.04 19.15
CA GLU A 16 -0.65 -2.05 19.95
C GLU A 16 -1.60 -2.68 20.95
N LYS A 17 -2.31 -3.73 20.54
CA LYS A 17 -3.26 -4.41 21.41
C LYS A 17 -2.66 -5.06 22.63
N LYS A 18 -1.41 -5.50 22.54
CA LYS A 18 -0.76 -6.14 23.68
C LYS A 18 0.29 -5.21 24.25
N SER A 19 0.40 -4.03 23.66
CA SER A 19 1.36 -3.03 24.07
C SER A 19 2.78 -3.46 23.78
N LEU A 20 2.99 -4.10 22.64
CA LEU A 20 4.31 -4.53 22.22
C LEU A 20 4.67 -3.73 21.00
N GLU A 21 5.94 -3.39 20.83
CA GLU A 21 6.37 -2.61 19.68
C GLU A 21 7.11 -3.43 18.69
N ASP A 22 7.04 -3.04 17.41
CA ASP A 22 7.77 -3.77 16.38
C ASP A 22 9.18 -3.24 16.34
N LYS A 23 10.07 -3.97 15.68
CA LYS A 23 11.48 -3.62 15.57
C LYS A 23 11.89 -2.22 15.14
N THR A 24 11.12 -1.58 14.27
CA THR A 24 11.53 -0.25 13.81
C THR A 24 10.51 0.85 13.88
N GLU A 25 9.44 0.68 14.65
CA GLU A 25 8.45 1.74 14.70
C GLU A 25 8.96 2.96 15.41
N ARG A 26 9.95 2.81 16.27
CA ARG A 26 10.50 3.96 16.99
C ARG A 26 11.12 4.94 16.02
N GLU A 27 11.78 4.44 14.98
CA GLU A 27 12.40 5.29 13.97
C GLU A 27 11.37 6.26 13.40
N LEU A 28 10.15 5.79 13.24
CA LEU A 28 9.06 6.62 12.73
C LEU A 28 8.71 7.72 13.69
N LEU A 29 8.48 7.34 14.95
CA LEU A 29 8.10 8.30 15.97
C LEU A 29 9.21 9.29 16.26
N GLU A 30 10.46 8.85 16.18
CA GLU A 30 11.57 9.76 16.45
C GLU A 30 11.67 10.81 15.37
N SER A 31 11.17 10.51 14.19
CA SER A 31 11.24 11.46 13.07
C SER A 31 10.16 12.51 13.11
N TYR A 32 9.17 12.34 13.97
CA TYR A 32 8.08 13.30 14.07
C TYR A 32 8.42 14.39 15.05
N ILE A 33 9.33 15.28 14.66
CA ILE A 33 9.74 16.38 15.53
C ILE A 33 8.57 17.28 15.83
N ASP A 34 8.45 17.68 17.09
CA ASP A 34 7.34 18.55 17.51
C ASP A 34 7.52 19.93 16.92
N ILE B 1 10.12 -4.19 -2.81
CA ILE B 1 10.85 -3.32 -1.84
C ILE B 1 12.34 -3.53 -1.94
N VAL B 2 13.09 -2.44 -2.06
CA VAL B 2 14.55 -2.49 -2.15
C VAL B 2 15.17 -1.99 -0.87
N GLU B 3 16.18 -2.69 -0.39
CA GLU B 3 16.88 -2.31 0.84
C GLU B 3 15.97 -2.28 2.04
N GLY B 4 14.98 -3.17 2.06
CA GLY B 4 14.08 -3.25 3.19
C GLY B 4 14.45 -4.51 3.96
N SER B 5 13.55 -5.00 4.79
CA SER B 5 13.81 -6.22 5.53
C SER B 5 12.55 -6.98 5.74
N ASP B 6 12.67 -8.24 6.15
CA ASP B 6 11.51 -9.09 6.38
C ASP B 6 10.64 -8.49 7.44
N ALA B 7 9.33 -8.51 7.21
CA ALA B 7 8.38 -7.98 8.18
C ALA B 7 8.18 -9.01 9.24
N GLU B 8 7.80 -8.61 10.45
CA GLU B 8 7.54 -9.62 11.45
C GLU B 8 6.08 -9.97 11.36
N ILE B 9 5.68 -11.08 11.97
CA ILE B 9 4.30 -11.52 11.93
C ILE B 9 3.33 -10.53 12.53
N GLY B 10 2.22 -10.26 11.85
CA GLY B 10 1.23 -9.32 12.35
C GLY B 10 1.65 -7.87 12.27
N MET B 11 2.77 -7.61 11.62
CA MET B 11 3.25 -6.24 11.48
C MET B 11 2.37 -5.35 10.61
N SER B 12 1.75 -5.91 9.57
CA SER B 12 0.88 -5.14 8.66
C SER B 12 -0.37 -5.92 8.37
N PRO B 13 -1.21 -6.12 9.39
CA PRO B 13 -2.47 -6.87 9.25
C PRO B 13 -3.47 -6.37 8.20
N TRP B 14 -3.16 -5.25 7.56
CA TRP B 14 -4.03 -4.67 6.53
C TRP B 14 -3.46 -4.88 5.14
N GLN B 15 -2.28 -5.49 5.05
CA GLN B 15 -1.64 -5.74 3.75
C GLN B 15 -2.45 -6.74 2.95
N VAL B 16 -2.72 -6.41 1.70
CA VAL B 16 -3.50 -7.29 0.85
C VAL B 16 -2.75 -7.66 -0.39
N MET B 17 -2.94 -8.88 -0.86
CA MET B 17 -2.29 -9.31 -2.09
C MET B 17 -3.35 -9.46 -3.17
N LEU B 18 -3.12 -8.82 -4.30
CA LEU B 18 -4.05 -8.91 -5.41
C LEU B 18 -3.54 -10.08 -6.22
N PHE B 19 -4.35 -11.12 -6.34
CA PHE B 19 -3.93 -12.32 -7.05
C PHE B 19 -4.76 -12.63 -8.28
N ARG B 20 -4.07 -12.92 -9.38
CA ARG B 20 -4.70 -13.23 -10.65
C ARG B 20 -5.14 -14.67 -10.69
N LYS B 21 -6.37 -14.93 -11.11
CA LYS B 21 -6.87 -16.30 -11.18
C LYS B 21 -6.11 -17.14 -12.17
N SER B 22 -5.87 -16.62 -13.37
CA SER B 22 -5.13 -17.40 -14.36
C SER B 22 -4.45 -16.55 -15.40
N PRO B 23 -3.11 -16.66 -15.50
CA PRO B 23 -2.31 -17.56 -14.67
C PRO B 23 -2.20 -17.06 -13.26
N GLN B 24 -2.07 -17.98 -12.30
CA GLN B 24 -1.96 -17.60 -10.89
C GLN B 24 -0.67 -16.88 -10.63
N GLU B 25 -0.77 -15.58 -10.37
CA GLU B 25 0.41 -14.75 -10.09
C GLU B 25 0.06 -13.52 -9.29
N LEU B 26 1.06 -12.99 -8.60
CA LEU B 26 0.91 -11.78 -7.80
C LEU B 26 0.68 -10.67 -8.77
N LEU B 27 -0.33 -9.85 -8.52
CA LEU B 27 -0.63 -8.74 -9.41
C LEU B 27 -0.27 -7.40 -8.80
N CYS B 28 -0.59 -7.24 -7.53
CA CYS B 28 -0.35 -5.99 -6.84
C CYS B 28 -0.56 -6.16 -5.37
N GLY B 29 -0.25 -5.10 -4.62
CA GLY B 29 -0.48 -5.09 -3.20
C GLY B 29 -1.75 -4.25 -3.04
N ALA B 30 -2.25 -4.11 -1.82
CA ALA B 30 -3.45 -3.31 -1.58
C ALA B 30 -3.60 -3.25 -0.10
N SER B 31 -4.66 -2.62 0.39
CA SER B 31 -4.85 -2.51 1.82
C SER B 31 -6.30 -2.65 2.24
N LEU B 32 -6.49 -3.25 3.41
CA LEU B 32 -7.82 -3.48 3.96
C LEU B 32 -8.24 -2.29 4.80
N ILE B 33 -9.29 -1.58 4.39
CA ILE B 33 -9.76 -0.41 5.13
C ILE B 33 -11.04 -0.65 5.92
N SER B 34 -11.62 -1.83 5.78
CA SER B 34 -12.83 -2.23 6.49
C SER B 34 -13.04 -3.68 6.20
N ASP B 35 -14.14 -4.26 6.69
CA ASP B 35 -14.40 -5.68 6.45
C ASP B 35 -14.94 -5.98 5.07
N ARG B 36 -15.17 -4.96 4.25
CA ARG B 36 -15.69 -5.19 2.90
C ARG B 36 -15.02 -4.37 1.82
N TRP B 37 -14.11 -3.47 2.20
CA TRP B 37 -13.45 -2.63 1.20
C TRP B 37 -11.94 -2.70 1.16
N VAL B 38 -11.40 -2.75 -0.06
CA VAL B 38 -9.96 -2.81 -0.26
C VAL B 38 -9.51 -1.65 -1.13
N LEU B 39 -8.42 -1.01 -0.72
CA LEU B 39 -7.86 0.13 -1.43
C LEU B 39 -6.61 -0.29 -2.16
N THR B 40 -6.46 0.18 -3.40
CA THR B 40 -5.28 -0.15 -4.18
C THR B 40 -5.10 0.92 -5.22
N ALA B 41 -4.12 0.74 -6.10
CA ALA B 41 -3.85 1.72 -7.14
C ALA B 41 -4.65 1.38 -8.36
N ALA B 42 -5.11 2.41 -9.08
CA ALA B 42 -5.89 2.19 -10.29
C ALA B 42 -5.09 1.50 -11.37
N HIS B 43 -3.79 1.78 -11.47
CA HIS B 43 -3.00 1.15 -12.53
C HIS B 43 -2.84 -0.34 -12.36
N CYS B 44 -3.31 -0.88 -11.24
CA CYS B 44 -3.24 -2.33 -11.01
C CYS B 44 -4.35 -2.99 -11.78
N LEU B 45 -5.41 -2.23 -12.04
CA LEU B 45 -6.57 -2.75 -12.74
C LEU B 45 -6.72 -2.24 -14.15
N LEU B 46 -6.30 -1.00 -14.40
CA LEU B 46 -6.46 -0.40 -15.72
C LEU B 46 -5.25 0.37 -16.19
N TYR B 47 -4.66 -0.05 -17.31
CA TYR B 47 -3.50 0.62 -17.87
C TYR B 47 -3.31 0.21 -19.32
N PRO B 48 -4.07 0.84 -20.23
CA PRO B 48 -4.06 0.60 -21.68
C PRO B 48 -2.70 0.50 -22.32
N PRO B 49 -1.74 1.34 -21.91
CA PRO B 49 -0.43 1.24 -22.52
C PRO B 49 0.15 -0.16 -22.50
N TRP B 50 -0.28 -0.97 -21.54
CA TRP B 50 0.19 -2.35 -21.44
C TRP B 50 -0.94 -3.33 -21.63
N ASP B 51 -2.03 -2.86 -22.21
CA ASP B 51 -3.21 -3.69 -22.44
C ASP B 51 -3.77 -4.24 -21.16
N LYS B 52 -3.45 -3.62 -20.03
CA LYS B 52 -3.94 -4.07 -18.73
C LYS B 52 -5.33 -3.56 -18.44
N ASN B 53 -6.29 -4.46 -18.28
CA ASN B 53 -7.68 -4.08 -17.98
C ASN B 53 -8.41 -5.24 -17.36
N PHE B 54 -8.35 -5.35 -16.04
CA PHE B 54 -9.01 -6.45 -15.33
C PHE B 54 -10.40 -6.16 -14.86
N THR B 55 -11.19 -7.22 -14.73
CA THR B 55 -12.56 -7.11 -14.26
C THR B 55 -12.67 -7.91 -12.96
N GLU B 56 -13.82 -7.81 -12.31
CA GLU B 56 -14.06 -8.51 -11.05
C GLU B 56 -13.72 -9.97 -11.06
N ASN B 57 -14.07 -10.67 -12.13
CA ASN B 57 -13.82 -12.11 -12.20
C ASN B 57 -12.45 -12.56 -12.59
N ASP B 58 -11.53 -11.63 -12.83
CA ASP B 58 -10.17 -12.00 -13.19
C ASP B 58 -9.31 -12.08 -11.97
N LEU B 59 -9.78 -11.52 -10.85
CA LEU B 59 -8.96 -11.46 -9.66
C LEU B 59 -9.49 -12.03 -8.37
N LEU B 60 -8.56 -12.23 -7.45
CA LEU B 60 -8.84 -12.71 -6.11
C LEU B 60 -8.08 -11.83 -5.15
N VAL B 61 -8.56 -11.76 -3.91
CA VAL B 61 -7.94 -10.98 -2.86
C VAL B 61 -7.42 -11.94 -1.79
N ARG B 62 -6.19 -11.75 -1.34
CA ARG B 62 -5.60 -12.62 -0.31
C ARG B 62 -5.15 -11.79 0.88
N ILE B 63 -5.84 -11.96 2.01
CA ILE B 63 -5.59 -11.22 3.23
C ILE B 63 -4.97 -12.03 4.34
N GLY B 64 -4.14 -11.38 5.17
CA GLY B 64 -3.51 -12.07 6.29
C GLY B 64 -2.22 -12.79 5.95
N LYS B 65 -1.65 -12.53 4.78
CA LYS B 65 -0.42 -13.20 4.33
C LYS B 65 0.91 -12.69 4.83
N HIS B 66 1.92 -13.57 4.75
CA HIS B 66 3.28 -13.26 5.17
C HIS B 66 4.17 -13.80 4.06
N SER B 67 4.02 -15.09 3.77
CA SER B 67 4.77 -15.73 2.71
C SER B 67 4.24 -15.25 1.38
N ARG B 68 5.12 -15.07 0.41
CA ARG B 68 4.70 -14.60 -0.90
C ARG B 68 4.07 -15.66 -1.76
N THR B 69 4.65 -16.86 -1.78
CA THR B 69 4.14 -17.93 -2.64
C THR B 69 3.35 -19.06 -2.01
N ARG B 70 3.45 -19.24 -0.70
CA ARG B 70 2.73 -20.35 -0.07
C ARG B 70 1.29 -20.06 0.23
N TYR B 71 0.47 -21.11 0.24
CA TYR B 71 -0.94 -20.97 0.58
C TYR B 71 -0.98 -21.13 2.09
N GLU B 72 -0.93 -20.02 2.81
CA GLU B 72 -0.92 -20.05 4.27
C GLU B 72 -2.20 -20.52 4.92
N ARG B 73 -2.39 -21.84 4.87
CA ARG B 73 -3.57 -22.52 5.42
C ARG B 73 -3.87 -22.13 6.85
N ASN B 74 -5.13 -21.84 7.11
CA ASN B 74 -5.60 -21.45 8.44
C ASN B 74 -5.19 -20.05 8.83
N ILE B 75 -4.39 -19.39 8.00
CA ILE B 75 -3.93 -18.04 8.32
C ILE B 75 -4.46 -17.00 7.36
N GLU B 76 -4.20 -17.17 6.07
CA GLU B 76 -4.68 -16.19 5.09
C GLU B 76 -6.12 -16.43 4.71
N LYS B 77 -6.76 -15.42 4.13
CA LYS B 77 -8.15 -15.52 3.70
C LYS B 77 -8.27 -15.07 2.28
N ILE B 78 -8.89 -15.90 1.44
CA ILE B 78 -9.06 -15.58 0.03
C ILE B 78 -10.48 -15.12 -0.22
N SER B 79 -10.62 -13.93 -0.78
CA SER B 79 -11.93 -13.35 -1.07
C SER B 79 -12.14 -12.97 -2.52
N MET B 80 -13.40 -12.97 -2.95
CA MET B 80 -13.75 -12.61 -4.33
C MET B 80 -14.31 -11.21 -4.38
N LEU B 81 -14.14 -10.57 -5.54
CA LEU B 81 -14.60 -9.20 -5.74
C LEU B 81 -16.02 -9.11 -6.23
N GLU B 82 -16.77 -8.16 -5.68
CA GLU B 82 -18.15 -7.96 -6.07
C GLU B 82 -18.20 -6.83 -7.06
N LYS B 83 -17.37 -5.80 -6.86
CA LYS B 83 -17.36 -4.66 -7.77
C LYS B 83 -16.12 -3.81 -7.61
N ILE B 84 -15.63 -3.28 -8.73
CA ILE B 84 -14.45 -2.42 -8.74
C ILE B 84 -14.82 -1.00 -9.09
N TYR B 85 -14.14 -0.03 -8.49
CA TYR B 85 -14.40 1.37 -8.78
C TYR B 85 -13.13 2.15 -9.00
N ILE B 86 -12.89 2.54 -10.24
CA ILE B 86 -11.70 3.32 -10.60
C ILE B 86 -12.07 4.78 -10.50
N HIS B 87 -11.17 5.63 -10.00
CA HIS B 87 -11.49 7.05 -9.91
C HIS B 87 -11.80 7.55 -11.30
N PRO B 88 -12.94 8.25 -11.47
CA PRO B 88 -13.39 8.79 -12.75
C PRO B 88 -12.39 9.65 -13.47
N ARG B 89 -11.51 10.33 -12.73
CA ARG B 89 -10.53 11.18 -13.37
C ARG B 89 -9.11 10.64 -13.31
N TYR B 90 -8.99 9.32 -13.30
CA TYR B 90 -7.69 8.65 -13.29
C TYR B 90 -7.00 8.94 -14.63
N ASN B 91 -5.88 9.65 -14.58
CA ASN B 91 -5.14 10.02 -15.79
C ASN B 91 -4.01 9.05 -16.12
N TRP B 92 -4.34 7.93 -16.76
CA TRP B 92 -3.33 6.94 -17.13
C TRP B 92 -2.57 7.38 -18.36
N ARG B 93 -3.09 8.38 -19.08
CA ARG B 93 -2.44 8.87 -20.28
C ARG B 93 -1.21 9.69 -20.05
N GLU B 94 -1.21 10.52 -19.01
CA GLU B 94 -0.07 11.40 -18.76
C GLU B 94 0.84 11.15 -17.58
N ASN B 95 0.31 11.28 -16.36
CA ASN B 95 1.12 11.14 -15.15
C ASN B 95 0.56 10.27 -14.05
N LEU B 96 -0.47 9.48 -14.35
CA LEU B 96 -1.06 8.60 -13.34
C LEU B 96 -1.70 9.40 -12.21
N ASP B 97 -2.17 10.60 -12.53
CA ASP B 97 -2.82 11.47 -11.56
C ASP B 97 -4.06 10.74 -11.05
N ARG B 98 -4.30 10.82 -9.74
CA ARG B 98 -5.44 10.16 -9.12
C ARG B 98 -5.40 8.66 -9.31
N ASP B 99 -4.25 8.06 -9.02
CA ASP B 99 -4.04 6.62 -9.15
C ASP B 99 -4.63 5.92 -7.94
N ILE B 100 -5.95 5.72 -7.96
CA ILE B 100 -6.64 5.08 -6.85
C ILE B 100 -7.86 4.30 -7.30
N ALA B 101 -8.17 3.23 -6.58
CA ALA B 101 -9.32 2.39 -6.89
C ALA B 101 -9.81 1.71 -5.65
N LEU B 102 -11.13 1.52 -5.56
CA LEU B 102 -11.75 0.84 -4.44
C LEU B 102 -12.30 -0.48 -4.92
N MET B 103 -12.26 -1.49 -4.05
CA MET B 103 -12.78 -2.81 -4.38
C MET B 103 -13.70 -3.31 -3.30
N LYS B 104 -14.88 -3.76 -3.71
CA LYS B 104 -15.91 -4.28 -2.81
C LYS B 104 -15.87 -5.78 -2.76
N LEU B 105 -15.63 -6.35 -1.58
CA LEU B 105 -15.58 -7.80 -1.46
C LEU B 105 -16.95 -8.40 -1.47
N LYS B 106 -17.09 -9.60 -2.01
CA LYS B 106 -18.39 -10.26 -2.06
C LYS B 106 -18.93 -10.49 -0.67
N LYS B 107 -18.09 -11.05 0.20
CA LYS B 107 -18.49 -11.34 1.58
C LYS B 107 -17.53 -10.68 2.55
N PRO B 108 -18.03 -10.19 3.70
CA PRO B 108 -17.18 -9.55 4.70
C PRO B 108 -16.14 -10.50 5.25
N VAL B 109 -14.95 -9.99 5.54
CA VAL B 109 -13.89 -10.81 6.09
C VAL B 109 -13.84 -10.69 7.59
N ALA B 110 -13.54 -11.80 8.26
CA ALA B 110 -13.45 -11.79 9.72
C ALA B 110 -12.05 -11.42 10.11
N PHE B 111 -11.93 -10.51 11.06
CA PHE B 111 -10.61 -10.07 11.50
C PHE B 111 -9.95 -11.08 12.40
N SER B 112 -8.62 -11.00 12.51
CA SER B 112 -7.87 -11.93 13.34
C SER B 112 -6.59 -11.28 13.76
N ASP B 113 -5.66 -12.08 14.29
CA ASP B 113 -4.37 -11.56 14.72
C ASP B 113 -3.59 -11.10 13.51
N TYR B 114 -3.91 -11.65 12.33
CA TYR B 114 -3.19 -11.31 11.10
C TYR B 114 -3.98 -10.51 10.09
N ILE B 115 -5.25 -10.25 10.41
CA ILE B 115 -6.12 -9.51 9.53
C ILE B 115 -6.80 -8.42 10.31
N HIS B 116 -6.46 -7.17 10.00
CA HIS B 116 -7.03 -6.02 10.69
C HIS B 116 -6.87 -4.82 9.78
N PRO B 117 -7.91 -3.98 9.69
CA PRO B 117 -7.95 -2.77 8.86
C PRO B 117 -7.13 -1.57 9.32
N VAL B 118 -6.65 -0.80 8.35
CA VAL B 118 -5.86 0.38 8.62
C VAL B 118 -6.82 1.54 8.68
N CYS B 119 -6.41 2.67 9.26
CA CYS B 119 -7.26 3.84 9.33
C CYS B 119 -7.03 4.75 8.13
N LEU B 120 -8.02 5.59 7.84
CA LEU B 120 -7.93 6.54 6.75
C LEU B 120 -7.72 7.85 7.45
N PRO B 121 -6.85 8.72 6.91
CA PRO B 121 -6.61 10.01 7.56
C PRO B 121 -7.74 11.01 7.45
N ASP B 122 -7.80 11.90 8.43
CA ASP B 122 -8.78 12.98 8.46
C ASP B 122 -7.96 14.21 8.21
N ARG B 123 -8.59 15.36 8.02
CA ARG B 123 -7.84 16.59 7.76
C ARG B 123 -6.73 16.87 8.77
N GLU B 124 -7.06 16.76 10.06
CA GLU B 124 -6.11 17.02 11.13
C GLU B 124 -4.87 16.13 11.08
N THR B 125 -5.10 14.82 10.99
CA THR B 125 -4.00 13.87 10.94
C THR B 125 -3.13 14.11 9.73
N ALA B 126 -3.74 14.29 8.57
CA ALA B 126 -2.97 14.52 7.35
C ALA B 126 -2.09 15.72 7.57
N ALA B 127 -2.67 16.79 8.11
CA ALA B 127 -1.93 18.02 8.35
C ALA B 127 -0.76 17.85 9.29
N SER B 128 -0.98 17.16 10.40
CA SER B 128 0.07 16.96 11.39
C SER B 128 1.23 16.10 10.94
N LEU B 129 0.95 15.03 10.22
CA LEU B 129 2.00 14.11 9.81
C LEU B 129 2.55 14.21 8.42
N LEU B 130 1.77 14.73 7.50
CA LEU B 130 2.23 14.82 6.12
C LEU B 130 3.21 15.97 5.97
N GLN B 131 4.42 15.78 6.50
CA GLN B 131 5.47 16.80 6.45
C GLN B 131 6.81 16.22 6.06
N ALA B 132 7.55 16.95 5.22
CA ALA B 132 8.87 16.50 4.77
C ALA B 132 9.75 16.21 5.95
N GLY B 133 10.45 15.09 5.90
CA GLY B 133 11.31 14.71 7.01
C GLY B 133 10.66 13.64 7.87
N TYR B 134 9.34 13.65 7.90
CA TYR B 134 8.58 12.65 8.67
C TYR B 134 8.63 11.36 7.89
N LYS B 135 8.86 10.26 8.58
CA LYS B 135 8.96 8.96 7.93
C LYS B 135 7.70 8.12 7.90
N GLY B 136 7.53 7.40 6.81
CA GLY B 136 6.39 6.52 6.65
C GLY B 136 6.94 5.12 6.44
N ARG B 137 6.05 4.14 6.33
CA ARG B 137 6.45 2.75 6.12
C ARG B 137 5.74 2.12 4.95
N VAL B 138 6.51 1.46 4.09
CA VAL B 138 5.96 0.82 2.91
C VAL B 138 6.20 -0.67 2.94
N THR B 139 5.20 -1.44 2.53
CA THR B 139 5.27 -2.90 2.51
C THR B 139 4.89 -3.50 1.19
N GLY B 140 5.55 -4.60 0.84
CA GLY B 140 5.23 -5.28 -0.40
C GLY B 140 6.07 -6.51 -0.68
N TRP B 141 5.60 -7.31 -1.63
CA TRP B 141 6.26 -8.54 -2.06
C TRP B 141 6.93 -8.29 -3.41
N GLY B 142 7.20 -7.03 -3.72
CA GLY B 142 7.80 -6.69 -5.00
C GLY B 142 9.28 -6.98 -5.15
N ASN B 143 9.84 -6.59 -6.30
CA ASN B 143 11.25 -6.82 -6.57
C ASN B 143 12.16 -6.21 -5.54
N LEU B 144 13.25 -6.91 -5.26
CA LEU B 144 14.24 -6.47 -4.29
C LEU B 144 15.32 -5.68 -4.99
N LYS B 145 15.46 -5.90 -6.29
CA LYS B 145 16.47 -5.23 -7.09
C LYS B 145 15.84 -4.76 -8.38
N GLU B 146 16.37 -3.69 -8.97
CA GLU B 146 15.82 -3.17 -10.21
C GLU B 146 16.02 -4.16 -11.35
N THR B 147 14.96 -4.38 -12.12
CA THR B 147 15.00 -5.32 -13.24
C THR B 147 14.14 -4.83 -14.37
N GLY B 155 15.34 -13.00 -7.33
CA GLY B 155 15.19 -11.56 -7.49
C GLY B 155 13.97 -11.04 -6.77
N GLN B 156 13.18 -11.95 -6.21
CA GLN B 156 11.98 -11.58 -5.48
C GLN B 156 12.10 -12.05 -4.05
N PRO B 157 11.28 -11.49 -3.14
CA PRO B 157 11.33 -11.87 -1.73
C PRO B 157 10.58 -13.12 -1.36
N SER B 158 11.07 -13.80 -0.34
CA SER B 158 10.41 -15.01 0.14
C SER B 158 9.29 -14.61 1.05
N VAL B 159 9.43 -13.45 1.68
CA VAL B 159 8.40 -12.99 2.58
C VAL B 159 8.16 -11.49 2.46
N LEU B 160 7.05 -11.01 3.01
CA LEU B 160 6.71 -9.59 2.95
C LEU B 160 7.87 -8.73 3.40
N GLN B 161 8.15 -7.68 2.64
CA GLN B 161 9.25 -6.76 2.97
C GLN B 161 8.71 -5.45 3.47
N VAL B 162 9.53 -4.73 4.24
CA VAL B 162 9.11 -3.44 4.77
C VAL B 162 10.27 -2.48 4.80
N VAL B 163 9.98 -1.20 4.61
CA VAL B 163 11.02 -0.19 4.65
C VAL B 163 10.44 1.11 5.10
N ASN B 164 11.19 1.86 5.90
CA ASN B 164 10.75 3.16 6.40
C ASN B 164 11.42 4.24 5.59
N LEU B 165 10.64 5.19 5.10
CA LEU B 165 11.18 6.26 4.26
C LEU B 165 10.61 7.62 4.61
N PRO B 166 11.44 8.66 4.52
CA PRO B 166 11.02 10.03 4.84
C PRO B 166 10.32 10.71 3.69
N ILE B 167 9.30 11.52 4.01
CA ILE B 167 8.58 12.27 3.00
C ILE B 167 9.52 13.36 2.52
N VAL B 168 9.48 13.68 1.24
CA VAL B 168 10.37 14.69 0.68
C VAL B 168 9.68 15.96 0.30
N GLU B 169 10.35 17.10 0.44
CA GLU B 169 9.77 18.40 0.11
C GLU B 169 9.30 18.41 -1.34
N ARG B 170 8.11 18.97 -1.56
CA ARG B 170 7.51 19.02 -2.89
C ARG B 170 8.43 19.51 -4.00
N PRO B 171 9.20 20.59 -3.78
CA PRO B 171 10.13 21.15 -4.76
C PRO B 171 11.16 20.16 -5.22
N VAL B 172 11.71 19.41 -4.27
CA VAL B 172 12.72 18.41 -4.57
C VAL B 172 12.12 17.34 -5.45
N CYS B 173 10.90 16.90 -5.13
CA CYS B 173 10.21 15.87 -5.90
C CYS B 173 10.06 16.33 -7.36
N LYS B 174 9.55 17.55 -7.53
CA LYS B 174 9.34 18.11 -8.86
C LYS B 174 10.60 18.19 -9.69
N ASP B 175 11.70 18.59 -9.07
CA ASP B 175 12.98 18.72 -9.76
C ASP B 175 13.71 17.43 -10.07
N SER B 176 13.18 16.30 -9.63
CA SER B 176 13.84 15.01 -9.88
C SER B 176 13.28 14.27 -11.08
N THR B 177 12.28 14.84 -11.75
CA THR B 177 11.66 14.16 -12.88
C THR B 177 11.09 15.09 -13.94
N ARG B 178 10.78 14.53 -15.11
CA ARG B 178 10.20 15.31 -16.21
C ARG B 178 8.72 15.20 -16.16
N ILE B 179 8.22 14.18 -15.46
CA ILE B 179 6.79 13.96 -15.33
C ILE B 179 6.14 15.10 -14.57
N ARG B 180 4.97 15.53 -15.04
CA ARG B 180 4.26 16.61 -14.40
C ARG B 180 3.59 16.15 -13.11
N ILE B 181 4.10 16.65 -11.98
CA ILE B 181 3.60 16.32 -10.65
C ILE B 181 2.32 17.08 -10.34
N THR B 182 1.42 16.50 -9.55
CA THR B 182 0.17 17.18 -9.19
C THR B 182 0.00 17.15 -7.70
N ASP B 183 -1.04 17.81 -7.20
CA ASP B 183 -1.33 17.86 -5.76
C ASP B 183 -1.81 16.54 -5.20
N ASN B 184 -2.21 15.61 -6.06
CA ASN B 184 -2.68 14.31 -5.61
C ASN B 184 -1.53 13.32 -5.47
N MET B 185 -0.31 13.85 -5.35
CA MET B 185 0.89 13.01 -5.21
C MET B 185 1.86 13.58 -4.23
N PHE B 186 2.80 12.75 -3.80
CA PHE B 186 3.89 13.16 -2.95
C PHE B 186 4.97 12.12 -3.16
N CYS B 187 6.21 12.48 -2.87
CA CYS B 187 7.28 11.52 -3.07
C CYS B 187 7.99 11.29 -1.78
N ALA B 188 8.62 10.13 -1.64
CA ALA B 188 9.32 9.77 -0.42
C ALA B 188 10.58 9.00 -0.75
N GLY B 189 11.60 9.17 0.09
CA GLY B 189 12.86 8.47 -0.13
C GLY B 189 13.99 9.31 0.44
N TYR B 190 15.16 8.69 0.56
CA TYR B 190 16.32 9.40 1.08
C TYR B 190 17.03 10.13 -0.03
N LYS B 191 17.69 11.23 0.31
CA LYS B 191 18.44 12.00 -0.65
C LYS B 191 19.78 11.31 -0.76
N PRO B 192 20.55 11.61 -1.82
CA PRO B 192 21.87 11.00 -2.04
C PRO B 192 22.85 11.15 -0.90
N ASP B 193 22.82 12.29 -0.22
CA ASP B 193 23.74 12.55 0.88
C ASP B 193 23.23 12.11 2.23
N GLU B 194 22.19 11.28 2.27
CA GLU B 194 21.64 10.85 3.55
C GLU B 194 22.10 9.51 4.07
N GLY B 195 23.00 8.84 3.34
CA GLY B 195 23.51 7.56 3.80
C GLY B 195 22.56 6.39 3.69
N LYS B 196 21.34 6.56 4.18
CA LYS B 196 20.35 5.49 4.11
C LYS B 196 19.67 5.48 2.76
N ARG B 197 19.04 4.37 2.42
CA ARG B 197 18.33 4.26 1.15
C ARG B 197 17.18 3.29 1.23
N GLY B 198 16.53 3.05 0.10
CA GLY B 198 15.39 2.16 0.09
C GLY B 198 14.32 2.72 -0.84
N ASP B 199 13.45 1.85 -1.34
CA ASP B 199 12.43 2.29 -2.28
C ASP B 199 11.49 1.14 -2.55
N ALA B 200 10.36 1.44 -3.20
CA ALA B 200 9.40 0.43 -3.60
C ALA B 200 9.90 0.03 -4.97
N CYS B 201 9.25 -0.92 -5.62
CA CYS B 201 9.70 -1.33 -6.94
C CYS B 201 8.56 -2.03 -7.61
N GLU B 202 8.73 -2.43 -8.88
CA GLU B 202 7.67 -3.14 -9.59
C GLU B 202 7.21 -4.29 -8.71
N GLY B 203 5.90 -4.49 -8.62
CA GLY B 203 5.37 -5.57 -7.79
C GLY B 203 4.81 -5.09 -6.46
N ASP B 204 5.18 -3.88 -6.06
CA ASP B 204 4.72 -3.27 -4.81
C ASP B 204 3.52 -2.36 -5.05
N SER B 205 3.23 -2.06 -6.32
CA SER B 205 2.10 -1.20 -6.70
C SER B 205 0.85 -1.43 -5.90
N GLY B 206 0.17 -0.34 -5.54
CA GLY B 206 -1.07 -0.46 -4.78
C GLY B 206 -0.84 -0.64 -3.30
N GLY B 207 0.41 -0.89 -2.93
CA GLY B 207 0.77 -1.07 -1.54
C GLY B 207 0.52 0.18 -0.71
N PRO B 208 0.32 0.00 0.61
CA PRO B 208 0.07 1.12 1.50
C PRO B 208 1.30 1.79 2.08
N PHE B 209 1.27 3.13 2.12
CA PHE B 209 2.35 3.92 2.72
C PHE B 209 1.70 4.34 4.04
N VAL B 210 2.15 3.80 5.16
CA VAL B 210 1.52 4.11 6.44
C VAL B 210 2.36 4.87 7.45
N MET B 211 1.69 5.60 8.34
CA MET B 211 2.36 6.34 9.40
C MET B 211 1.66 6.05 10.70
N LYS B 212 2.38 6.15 11.81
CA LYS B 212 1.77 5.90 13.12
C LYS B 212 1.57 7.22 13.82
N SER B 213 0.33 7.54 14.16
CA SER B 213 0.04 8.78 14.84
C SER B 213 0.55 8.76 16.26
N PRO B 214 1.31 9.80 16.66
CA PRO B 214 1.84 9.87 18.01
C PRO B 214 0.80 10.41 18.98
N PHE B 215 -0.37 10.78 18.45
CA PHE B 215 -1.46 11.32 19.25
C PHE B 215 -2.34 10.24 19.83
N ASN B 216 -2.80 9.30 18.99
CA ASN B 216 -3.65 8.23 19.46
C ASN B 216 -3.07 6.85 19.20
N ASN B 217 -1.81 6.80 18.75
CA ASN B 217 -1.16 5.50 18.50
C ASN B 217 -1.68 4.62 17.39
N ARG B 218 -2.49 5.17 16.49
CA ARG B 218 -3.03 4.37 15.40
C ARG B 218 -2.29 4.51 14.10
N TRP B 219 -2.39 3.50 13.25
CA TRP B 219 -1.74 3.52 11.95
C TRP B 219 -2.68 4.06 10.91
N TYR B 220 -2.19 5.00 10.12
CA TYR B 220 -2.99 5.62 9.07
C TYR B 220 -2.33 5.44 7.72
N GLN B 221 -3.14 5.21 6.69
CA GLN B 221 -2.59 5.07 5.35
C GLN B 221 -2.61 6.45 4.72
N MET B 222 -1.44 6.97 4.39
CA MET B 222 -1.35 8.29 3.79
C MET B 222 -1.17 8.17 2.31
N GLY B 223 -0.51 7.10 1.88
CA GLY B 223 -0.26 6.92 0.47
C GLY B 223 -0.45 5.54 -0.11
N ILE B 224 -0.32 5.46 -1.44
CA ILE B 224 -0.43 4.23 -2.18
C ILE B 224 0.72 4.22 -3.15
N VAL B 225 1.45 3.11 -3.26
CA VAL B 225 2.56 3.03 -4.20
C VAL B 225 2.04 3.28 -5.61
N SER B 226 2.44 4.40 -6.20
CA SER B 226 1.96 4.75 -7.54
C SER B 226 2.98 4.57 -8.64
N TRP B 227 4.06 5.34 -8.60
CA TRP B 227 5.06 5.21 -9.65
C TRP B 227 6.43 5.65 -9.26
N GLY B 228 7.39 5.29 -10.10
CA GLY B 228 8.77 5.66 -9.89
C GLY B 228 9.51 5.54 -11.21
N GLU B 229 10.80 5.83 -11.19
CA GLU B 229 11.64 5.73 -12.38
C GLU B 229 12.87 5.00 -11.92
N GLY B 230 12.87 3.69 -12.13
CA GLY B 230 13.97 2.87 -11.67
C GLY B 230 13.67 2.55 -10.21
N CYS B 231 14.49 1.74 -9.57
CA CYS B 231 14.27 1.40 -8.15
C CYS B 231 15.49 1.76 -7.32
N ASP B 232 15.27 2.59 -6.31
CA ASP B 232 16.34 3.02 -5.41
C ASP B 232 17.54 3.61 -6.12
N ARG B 233 17.30 4.55 -7.04
CA ARG B 233 18.38 5.22 -7.76
C ARG B 233 18.65 6.52 -7.07
N ASP B 234 19.91 6.94 -7.02
CA ASP B 234 20.25 8.22 -6.39
C ASP B 234 19.60 9.37 -7.13
N GLY B 235 19.09 10.33 -6.38
CA GLY B 235 18.46 11.48 -7.00
C GLY B 235 17.03 11.27 -7.44
N LYS B 236 16.52 10.05 -7.29
CA LYS B 236 15.15 9.72 -7.67
C LYS B 236 14.30 9.34 -6.46
N TYR B 237 12.99 9.54 -6.56
CA TYR B 237 12.11 9.22 -5.44
C TYR B 237 10.83 8.51 -5.83
N GLY B 238 10.27 7.75 -4.87
CA GLY B 238 9.04 7.04 -5.11
C GLY B 238 7.85 7.99 -4.97
N PHE B 239 6.87 7.85 -5.85
CA PHE B 239 5.67 8.68 -5.79
C PHE B 239 4.47 7.91 -5.31
N TYR B 240 3.67 8.56 -4.46
CA TYR B 240 2.51 7.92 -3.89
C TYR B 240 1.28 8.75 -4.06
N THR B 241 0.15 8.07 -4.20
CA THR B 241 -1.12 8.75 -4.31
C THR B 241 -1.46 9.37 -2.99
N HIS B 242 -1.74 10.67 -2.99
CA HIS B 242 -2.09 11.40 -1.76
C HIS B 242 -3.50 11.01 -1.36
N VAL B 243 -3.62 9.99 -0.53
CA VAL B 243 -4.93 9.48 -0.11
C VAL B 243 -5.91 10.49 0.45
N PHE B 244 -5.47 11.40 1.32
CA PHE B 244 -6.40 12.36 1.88
C PHE B 244 -7.08 13.23 0.85
N ARG B 245 -6.33 13.68 -0.15
CA ARG B 245 -6.90 14.52 -1.19
C ARG B 245 -8.07 13.83 -1.88
N LEU B 246 -8.01 12.51 -1.98
CA LEU B 246 -9.06 11.74 -2.64
C LEU B 246 -10.02 11.10 -1.67
N LYS B 247 -9.92 11.47 -0.40
CA LYS B 247 -10.77 10.94 0.65
C LYS B 247 -12.25 11.15 0.37
N LYS B 248 -12.61 12.33 -0.15
CA LYS B 248 -14.00 12.62 -0.46
C LYS B 248 -14.56 11.65 -1.46
N TRP B 249 -13.75 11.30 -2.46
CA TRP B 249 -14.21 10.36 -3.47
C TRP B 249 -14.41 9.02 -2.81
N ILE B 250 -13.48 8.64 -1.94
CA ILE B 250 -13.57 7.37 -1.23
C ILE B 250 -14.86 7.27 -0.49
N GLN B 251 -15.15 8.27 0.35
CA GLN B 251 -16.38 8.28 1.13
C GLN B 251 -17.60 8.23 0.25
N LYS B 252 -17.58 8.92 -0.87
CA LYS B 252 -18.72 8.92 -1.77
C LYS B 252 -19.06 7.53 -2.21
N VAL B 253 -18.07 6.81 -2.74
CA VAL B 253 -18.27 5.44 -3.22
C VAL B 253 -18.78 4.50 -2.16
N ILE B 254 -18.25 4.62 -0.95
CA ILE B 254 -18.67 3.75 0.14
C ILE B 254 -20.05 4.07 0.66
N ASP B 255 -20.38 5.35 0.78
CA ASP B 255 -21.68 5.75 1.27
C ASP B 255 -22.79 5.45 0.30
N GLN B 256 -22.46 5.35 -0.98
CA GLN B 256 -23.46 5.09 -2.02
C GLN B 256 -23.55 3.66 -2.49
N PHE B 257 -22.67 2.79 -2.00
CA PHE B 257 -22.70 1.40 -2.42
C PHE B 257 -22.44 0.43 -1.29
C1 SIN C 1 8.38 -18.57 -7.46
O1 SIN C 1 9.05 -18.34 -6.47
O2 SIN C 1 7.93 -17.66 -8.13
C2 SIN C 1 8.09 -20.01 -7.84
C3 SIN C 1 6.65 -20.14 -8.36
C4 SIN C 1 5.69 -20.17 -7.20
O4 SIN C 1 6.08 -20.48 -6.08
N TYR C 2 4.44 -19.83 -7.46
CA TYR C 2 3.42 -19.82 -6.42
C TYR C 2 2.82 -21.17 -6.16
N GLU C 3 2.23 -21.31 -4.98
CA GLU C 3 1.61 -22.56 -4.56
C GLU C 3 0.14 -22.52 -4.91
N PRO C 4 -0.34 -23.53 -5.64
CA PRO C 4 -1.75 -23.58 -6.04
C PRO C 4 -2.70 -23.44 -4.88
N ILE C 5 -3.64 -22.51 -5.02
CA ILE C 5 -4.62 -22.29 -3.98
C ILE C 5 -5.81 -23.18 -4.24
N HYP C 6 -6.45 -23.69 -3.18
CA HYP C 6 -7.63 -24.57 -3.27
C HYP C 6 -8.54 -24.09 -4.37
O HYP C 6 -8.68 -22.89 -4.58
CB HYP C 6 -8.31 -24.39 -1.90
CG HYP C 6 -7.10 -24.25 -0.94
CD HYP C 6 -6.05 -23.52 -1.78
OD1 HYP C 6 -6.62 -25.54 -0.60
N GLU C 7 -9.16 -25.03 -5.07
CA GLU C 7 -10.03 -24.70 -6.19
C GLU C 7 -11.36 -24.07 -5.87
N GLU C 8 -11.97 -24.36 -4.73
CA GLU C 8 -13.26 -23.77 -4.44
C GLU C 8 -13.26 -22.27 -4.33
N SMF C 9 -12.11 -21.62 -4.61
CA SMF C 9 -12.01 -20.16 -4.54
CB SMF C 9 -10.66 -19.75 -3.95
CG SMF C 9 -10.67 -20.01 -2.47
CD1 SMF C 9 -9.65 -20.78 -1.88
CE1 SMF C 9 -9.67 -21.02 -0.48
CD2 SMF C 9 -11.71 -19.49 -1.68
CE2 SMF C 9 -11.73 -19.72 -0.29
CZ SMF C 9 -10.71 -20.49 0.31
CH SMF C 9 -10.75 -20.76 1.80
S SMF C 9 -9.78 -19.54 2.73
O1 SMF C 9 -10.27 -18.23 2.54
O2 SMF C 9 -8.42 -19.53 2.04
O3 SMF C 9 -9.47 -20.04 4.02
C SMF C 9 -12.14 -19.61 -5.93
O SMF C 9 -12.61 -18.48 -6.13
N ALC C 10 -11.74 -20.40 -6.93
CA ALC C 10 -11.81 -19.99 -8.33
C ALC C 10 -13.25 -19.77 -8.75
O ALC C 10 -13.61 -18.68 -9.15
CB ALC C 10 -11.18 -21.06 -9.19
CG ALC C 10 -9.69 -21.04 -9.48
CD2 ALC C 10 -8.99 -19.98 -8.59
CE2 ALC C 10 -7.47 -19.97 -8.88
CZ ALC C 10 -6.87 -21.37 -8.61
CE1 ALC C 10 -7.57 -22.44 -9.47
CD1 ALC C 10 -9.09 -22.44 -9.18
N GLN C 11 -14.07 -20.82 -8.66
CA GLN C 11 -15.47 -20.72 -9.03
C GLN C 11 -16.16 -19.59 -8.29
C12 162 D . 5.86 3.58 -13.53
O1 162 D . 6.21 3.80 -12.39
C13 162 D . 6.76 4.06 -14.66
C14 162 D . 6.72 5.60 -14.78
C15 162 D . 5.32 6.10 -15.12
C16 162 D . 5.13 7.53 -14.58
C17 162 D . 3.68 8.03 -14.88
C18 162 D . 3.40 7.98 -16.40
C19 162 D . 3.66 6.56 -16.97
C20 162 D . 5.10 6.10 -16.66
N5 162 D . 8.13 3.61 -14.33
C21 162 D . 9.03 3.71 -15.50
C22 162 D . 10.40 3.28 -15.05
O2 162 D . 11.35 3.41 -15.82
O3 162 D . 10.57 2.81 -13.93
O 162 D . 5.15 0.60 -12.29
C7 162 D . 4.44 1.49 -11.83
C8 162 D . 3.71 2.42 -12.78
C9 162 D . 2.64 1.66 -13.54
C10 162 D . 2.85 1.76 -14.83
C11 162 D . 4.08 2.57 -15.10
N4 162 D . 4.67 2.94 -13.78
N 162 D . 10.53 2.87 -7.61
C 162 D . 9.20 2.93 -7.46
N1 162 D . 8.68 3.59 -6.41
C1 162 D . 8.29 2.26 -8.41
N2 162 D . 8.58 1.83 -9.71
C2 162 D . 9.87 1.96 -10.43
C3 162 D . 7.47 1.27 -10.23
C4 162 D . 6.98 1.95 -8.17
C5 162 D . 6.47 1.33 -9.32
C6 162 D . 5.06 0.82 -9.51
N3 162 D . 4.33 1.68 -10.48
#